data_8DYF
#
_entry.id   8DYF
#
_cell.length_a   96.260
_cell.length_b   96.260
_cell.length_c   51.850
_cell.angle_alpha   90.000
_cell.angle_beta   90.000
_cell.angle_gamma   120.000
#
_symmetry.space_group_name_H-M   'P 65'
#
loop_
_entity.id
_entity.type
_entity.pdbx_description
1 polymer Interleukin-17A
2 non-polymer '(5M)-3-[({2-[2-(2-{2-[2-({[(5M)-3-carboxy-5-(5,8-dihydroquinolin-4-yl)phenyl]amino}methyl)phenoxy]ethoxy}ethoxy)ethoxy]phenyl}methyl)amino]-5-(quinolin-4-yl)benzoic acid'
3 water water
#
_entity_poly.entity_id   1
_entity_poly.type   'polypeptide(L)'
_entity_poly.pdbx_seq_one_letter_code
;GSAMAPNSEDKNFPRTVMVNLNIHNRNTNTNPKRSSDYYNRSTSPWNLHRNEDPERYPSVIWEAKCRHLGCINADGNVDY
HMNSVPIQQEILVLRREPPHSPNSFRLEKILVSVGCTCVTPIVHHVA
;
_entity_poly.pdbx_strand_id   A,B
#
# COMPACT_ATOMS: atom_id res chain seq x y z
N THR A 16 -4.76 -26.21 5.61
CA THR A 16 -3.53 -26.59 4.91
C THR A 16 -3.77 -26.79 3.42
N VAL A 17 -2.89 -26.23 2.57
CA VAL A 17 -3.03 -26.31 1.12
C VAL A 17 -1.70 -26.67 0.49
N MET A 18 -1.73 -26.88 -0.83
CA MET A 18 -0.55 -27.23 -1.62
C MET A 18 -0.29 -26.09 -2.59
N VAL A 19 0.81 -25.37 -2.40
CA VAL A 19 1.12 -24.17 -3.17
C VAL A 19 2.20 -24.47 -4.20
N ASN A 20 1.92 -24.18 -5.45
CA ASN A 20 2.93 -24.24 -6.51
C ASN A 20 3.66 -22.90 -6.48
N LEU A 21 4.89 -22.91 -5.95
CA LEU A 21 5.71 -21.69 -5.92
C LEU A 21 6.17 -21.26 -7.31
N ASN A 22 6.00 -22.10 -8.33
CA ASN A 22 6.44 -21.85 -9.70
C ASN A 22 7.76 -21.08 -9.78
N ILE A 23 7.80 -19.89 -10.42
CA ILE A 23 9.09 -19.29 -10.74
C ILE A 23 9.62 -18.33 -9.67
N HIS A 24 9.04 -18.37 -8.47
CA HIS A 24 9.42 -17.44 -7.41
C HIS A 24 10.81 -17.71 -6.87
N ASN A 25 11.54 -16.63 -6.59
CA ASN A 25 12.89 -16.72 -6.09
C ASN A 25 13.14 -15.54 -5.18
N ARG A 26 14.12 -15.69 -4.29
CA ARG A 26 14.41 -14.67 -3.31
C ARG A 26 15.24 -13.56 -3.96
N ASN A 27 14.97 -12.33 -3.56
CA ASN A 27 15.69 -11.17 -4.06
C ASN A 27 16.24 -10.38 -2.89
N THR A 28 17.30 -9.62 -3.14
CA THR A 28 17.87 -8.79 -2.05
C THR A 28 17.15 -7.43 -1.94
N SER A 36 8.62 5.29 -10.60
CA SER A 36 8.01 6.61 -10.40
C SER A 36 8.73 7.37 -9.30
N ASP A 37 8.72 8.70 -9.34
CA ASP A 37 9.39 9.47 -8.31
C ASP A 37 8.39 10.22 -7.41
N TYR A 38 7.19 9.65 -7.26
CA TYR A 38 6.17 10.25 -6.40
C TYR A 38 6.69 10.53 -5.00
N TYR A 39 7.55 9.64 -4.48
CA TYR A 39 8.01 9.80 -3.10
C TYR A 39 8.67 11.14 -2.88
N ASN A 40 9.15 11.79 -3.94
CA ASN A 40 9.86 13.06 -3.88
C ASN A 40 9.01 14.25 -4.33
N ARG A 41 8.14 14.05 -5.30
CA ARG A 41 7.28 15.11 -5.82
C ARG A 41 5.98 15.28 -5.03
N SER A 42 5.67 14.35 -4.11
CA SER A 42 4.46 14.44 -3.29
C SER A 42 4.53 15.63 -2.35
N THR A 43 3.36 16.19 -2.03
CA THR A 43 3.29 17.17 -0.95
C THR A 43 3.42 16.54 0.43
N SER A 44 3.34 15.21 0.51
CA SER A 44 3.63 14.45 1.72
C SER A 44 4.71 13.45 1.33
N PRO A 45 5.95 13.89 1.15
CA PRO A 45 7.00 12.99 0.65
C PRO A 45 7.41 11.98 1.70
N TRP A 46 8.03 10.88 1.24
CA TRP A 46 8.41 9.80 2.14
C TRP A 46 9.79 9.25 1.77
N ASN A 47 10.37 8.52 2.72
CA ASN A 47 11.57 7.73 2.51
C ASN A 47 11.21 6.27 2.67
N LEU A 48 11.97 5.38 2.05
CA LEU A 48 11.76 3.93 2.17
C LEU A 48 12.77 3.34 3.13
N HIS A 49 12.31 2.50 4.04
CA HIS A 49 13.18 1.83 5.00
C HIS A 49 13.05 0.31 4.84
N ARG A 50 14.16 -0.38 5.08
CA ARG A 50 14.28 -1.81 4.84
C ARG A 50 13.68 -2.59 6.00
N ASN A 51 12.61 -3.33 5.74
CA ASN A 51 12.06 -4.30 6.67
C ASN A 51 12.59 -5.66 6.22
N GLU A 52 13.51 -6.25 7.01
CA GLU A 52 14.18 -7.50 6.65
C GLU A 52 13.88 -8.58 7.67
N ASP A 53 13.51 -9.77 7.18
CA ASP A 53 13.22 -10.91 8.05
C ASP A 53 13.57 -12.19 7.27
N PRO A 54 14.74 -12.78 7.53
CA PRO A 54 15.13 -14.01 6.83
C PRO A 54 14.13 -15.14 6.98
N GLU A 55 13.28 -15.12 8.02
CA GLU A 55 12.28 -16.16 8.23
C GLU A 55 10.99 -15.91 7.45
N ARG A 56 11.04 -15.05 6.44
CA ARG A 56 9.86 -14.61 5.72
C ARG A 56 10.15 -14.64 4.23
N TYR A 57 9.09 -14.85 3.45
CA TYR A 57 9.15 -14.62 2.01
C TYR A 57 8.01 -13.68 1.65
N PRO A 58 8.27 -12.53 1.02
CA PRO A 58 9.60 -11.98 0.68
C PRO A 58 10.38 -11.54 1.92
N SER A 59 11.69 -11.77 1.95
CA SER A 59 12.42 -11.48 3.18
C SER A 59 12.62 -9.99 3.38
N VAL A 60 12.70 -9.20 2.30
CA VAL A 60 12.88 -7.76 2.40
C VAL A 60 11.65 -7.07 1.84
N ILE A 61 11.06 -6.18 2.64
CA ILE A 61 9.98 -5.31 2.20
C ILE A 61 10.40 -3.88 2.47
N TRP A 62 10.28 -3.01 1.48
CA TRP A 62 10.56 -1.59 1.65
C TRP A 62 9.28 -0.89 2.13
N GLU A 63 9.37 -0.24 3.28
CA GLU A 63 8.24 0.45 3.90
C GLU A 63 8.47 1.95 3.89
N ALA A 64 7.42 2.73 3.69
CA ALA A 64 7.53 4.17 3.66
C ALA A 64 7.41 4.76 5.06
N LYS A 65 8.14 5.85 5.28
CA LYS A 65 7.99 6.67 6.48
C LYS A 65 7.96 8.11 5.99
N CYS A 66 6.92 8.85 6.37
CA CYS A 66 6.77 10.20 5.86
C CYS A 66 7.94 11.07 6.33
N ARG A 67 8.37 12.01 5.47
CA ARG A 67 9.53 12.82 5.81
C ARG A 67 9.21 13.84 6.91
N HIS A 68 8.00 14.39 6.92
CA HIS A 68 7.64 15.46 7.84
C HIS A 68 6.31 15.19 8.49
N LEU A 69 6.11 15.85 9.64
CA LEU A 69 4.79 15.87 10.26
C LEU A 69 3.79 16.63 9.40
N GLY A 70 4.24 17.66 8.68
CA GLY A 70 3.37 18.47 7.86
C GLY A 70 3.52 18.16 6.38
N CYS A 71 2.82 18.94 5.55
CA CYS A 71 2.89 18.83 4.10
C CYS A 71 3.63 20.02 3.47
N ILE A 72 4.21 19.78 2.29
CA ILE A 72 4.94 20.80 1.55
C ILE A 72 3.95 21.76 0.89
N ASN A 73 4.20 23.07 1.04
CA ASN A 73 3.33 24.09 0.46
C ASN A 73 3.92 24.61 -0.86
N ALA A 74 3.22 25.57 -1.50
CA ALA A 74 3.63 26.01 -2.83
C ALA A 74 5.02 26.63 -2.82
N ASP A 75 5.45 27.21 -1.70
CA ASP A 75 6.79 27.75 -1.58
C ASP A 75 7.85 26.69 -1.26
N GLY A 76 7.48 25.42 -1.17
CA GLY A 76 8.46 24.40 -0.85
C GLY A 76 8.81 24.27 0.61
N ASN A 77 8.10 24.95 1.51
CA ASN A 77 8.27 24.82 2.94
C ASN A 77 7.21 23.87 3.52
N VAL A 78 7.43 23.44 4.76
CA VAL A 78 6.51 22.51 5.42
C VAL A 78 5.47 23.29 6.20
N ASP A 79 4.20 22.97 5.95
CA ASP A 79 3.06 23.56 6.65
C ASP A 79 2.55 22.53 7.66
N TYR A 80 2.68 22.84 8.93
CA TYR A 80 2.34 21.86 9.95
C TYR A 80 0.89 21.92 10.40
N HIS A 81 0.06 22.77 9.80
CA HIS A 81 -1.38 22.64 10.06
C HIS A 81 -2.03 21.54 9.22
N MET A 82 -1.29 20.96 8.28
CA MET A 82 -1.65 19.78 7.50
C MET A 82 -0.81 18.60 7.98
N ASN A 83 -1.31 17.38 7.77
CA ASN A 83 -0.62 16.16 8.21
C ASN A 83 -0.17 15.29 7.03
N SER A 84 1.10 14.88 7.05
CA SER A 84 1.58 13.77 6.23
C SER A 84 1.29 12.46 6.96
N VAL A 85 0.52 11.58 6.36
CA VAL A 85 0.16 10.34 7.04
C VAL A 85 0.45 9.13 6.14
N PRO A 86 0.89 8.01 6.70
CA PRO A 86 1.18 6.83 5.88
C PRO A 86 -0.07 6.09 5.42
N ILE A 87 0.05 5.51 4.24
CA ILE A 87 -1.01 4.73 3.61
C ILE A 87 -0.66 3.25 3.76
N GLN A 88 -1.54 2.48 4.38
CA GLN A 88 -1.26 1.09 4.69
C GLN A 88 -2.02 0.14 3.78
N GLN A 89 -1.41 -1.02 3.57
CA GLN A 89 -1.99 -2.12 2.81
C GLN A 89 -1.74 -3.40 3.60
N GLU A 90 -2.78 -4.20 3.75
CA GLU A 90 -2.65 -5.53 4.32
C GLU A 90 -2.11 -6.46 3.24
N ILE A 91 -1.08 -7.22 3.57
CA ILE A 91 -0.48 -8.09 2.57
C ILE A 91 -0.24 -9.48 3.14
N LEU A 92 -0.28 -10.48 2.25
CA LEU A 92 0.11 -11.85 2.60
C LEU A 92 1.62 -12.04 2.50
N VAL A 93 2.19 -12.76 3.47
CA VAL A 93 3.58 -13.17 3.46
C VAL A 93 3.65 -14.64 3.85
N LEU A 94 4.74 -15.28 3.44
CA LEU A 94 5.07 -16.65 3.81
C LEU A 94 5.99 -16.61 5.01
N ARG A 95 5.71 -17.43 6.01
CA ARG A 95 6.54 -17.49 7.19
C ARG A 95 7.17 -18.89 7.28
N ARG A 96 8.46 -18.90 7.57
CA ARG A 96 9.21 -20.15 7.72
C ARG A 96 8.68 -20.98 8.88
N GLU A 97 8.43 -22.28 8.62
CA GLU A 97 8.06 -23.32 9.56
C GLU A 97 9.28 -24.17 9.92
N PRO A 98 9.38 -24.65 11.15
CA PRO A 98 10.49 -25.52 11.51
C PRO A 98 10.48 -26.78 10.66
N PRO A 99 11.64 -27.40 10.46
CA PRO A 99 11.70 -28.57 9.55
C PRO A 99 10.90 -29.76 10.06
N HIS A 100 10.84 -29.93 11.38
CA HIS A 100 10.03 -30.97 12.00
C HIS A 100 8.57 -30.93 11.57
N SER A 101 8.11 -29.80 11.02
CA SER A 101 6.71 -29.58 10.69
C SER A 101 6.38 -30.15 9.31
N PRO A 102 5.14 -30.61 9.11
CA PRO A 102 4.75 -31.10 7.78
C PRO A 102 4.54 -29.99 6.76
N ASN A 103 4.37 -28.75 7.20
CA ASN A 103 4.31 -27.61 6.29
C ASN A 103 5.69 -27.01 6.12
N SER A 104 5.99 -26.58 4.89
CA SER A 104 7.19 -25.77 4.69
C SER A 104 6.96 -24.32 5.13
N PHE A 105 5.76 -23.80 4.88
CA PHE A 105 5.46 -22.39 5.11
C PHE A 105 4.14 -22.20 5.84
N ARG A 106 4.02 -21.02 6.45
CA ARG A 106 2.86 -20.56 7.22
C ARG A 106 2.40 -19.24 6.62
N LEU A 107 1.17 -19.19 6.13
CA LEU A 107 0.65 -17.97 5.54
C LEU A 107 0.21 -16.99 6.62
N GLU A 108 0.65 -15.74 6.50
CA GLU A 108 0.35 -14.68 7.45
C GLU A 108 -0.08 -13.38 6.78
N LYS A 109 -0.75 -12.53 7.56
CA LYS A 109 -1.12 -11.18 7.14
C LYS A 109 -0.34 -10.16 7.96
N ILE A 110 0.28 -9.20 7.28
CA ILE A 110 0.94 -8.07 7.93
C ILE A 110 0.55 -6.79 7.21
N LEU A 111 0.82 -5.66 7.86
CA LEU A 111 0.51 -4.33 7.37
C LEU A 111 1.78 -3.64 6.92
N VAL A 112 1.73 -3.00 5.75
CA VAL A 112 2.87 -2.32 5.17
C VAL A 112 2.46 -0.92 4.74
N SER A 113 3.28 0.08 5.07
CA SER A 113 3.07 1.44 4.61
C SER A 113 3.73 1.60 3.24
N VAL A 114 2.92 1.96 2.24
CA VAL A 114 3.39 1.98 0.86
C VAL A 114 3.79 3.38 0.41
N GLY A 115 3.35 4.42 1.12
CA GLY A 115 3.61 5.80 0.75
C GLY A 115 2.88 6.70 1.72
N CYS A 116 2.86 8.00 1.44
CA CYS A 116 2.16 8.92 2.33
C CYS A 116 1.21 9.80 1.56
N THR A 117 0.20 10.31 2.27
CA THR A 117 -0.76 11.25 1.71
C THR A 117 -0.83 12.46 2.63
N CYS A 118 -1.37 13.56 2.12
CA CYS A 118 -1.54 14.77 2.91
C CYS A 118 -3.00 14.89 3.31
N VAL A 119 -3.28 14.98 4.60
CA VAL A 119 -4.67 15.09 5.02
C VAL A 119 -4.88 16.40 5.78
N THR A 120 -6.12 16.94 5.65
CA THR A 120 -6.49 18.04 6.53
C THR A 120 -6.95 17.49 7.88
N PRO A 121 -6.51 18.11 8.98
CA PRO A 121 -6.89 17.59 10.30
C PRO A 121 -8.32 17.95 10.64
N ILE A 122 -8.83 19.05 10.09
CA ILE A 122 -10.21 19.47 10.32
C ILE A 122 -10.72 20.19 9.09
N VAL A 123 -12.04 20.17 8.89
CA VAL A 123 -12.68 20.75 7.71
C VAL A 123 -13.58 21.90 8.15
N HIS A 124 -13.49 23.03 7.45
CA HIS A 124 -14.25 24.25 7.73
C HIS A 124 -13.88 24.84 9.09
N THR B 16 6.28 -27.08 -5.46
CA THR B 16 5.03 -27.38 -4.78
C THR B 16 5.23 -27.78 -3.31
N VAL B 17 4.67 -26.97 -2.40
CA VAL B 17 4.91 -27.13 -0.97
C VAL B 17 3.60 -27.08 -0.22
N MET B 18 3.63 -27.61 1.01
CA MET B 18 2.47 -27.59 1.89
C MET B 18 2.52 -26.32 2.72
N VAL B 19 1.45 -25.53 2.64
CA VAL B 19 1.35 -24.27 3.37
C VAL B 19 0.14 -24.32 4.28
N ASN B 20 0.34 -23.91 5.52
CA ASN B 20 -0.71 -23.76 6.50
C ASN B 20 -1.30 -22.36 6.40
N LEU B 21 -2.62 -22.26 6.15
CA LEU B 21 -3.25 -20.94 6.05
C LEU B 21 -3.53 -20.32 7.40
N THR B 30 -8.99 -7.18 10.67
CA THR B 30 -7.70 -6.58 10.93
C THR B 30 -7.30 -5.59 9.83
N ASN B 31 -8.01 -5.64 8.71
CA ASN B 31 -7.77 -4.73 7.59
C ASN B 31 -8.06 -3.30 8.00
N PRO B 32 -7.08 -2.40 7.98
CA PRO B 32 -7.35 -1.01 8.42
C PRO B 32 -8.31 -0.25 7.53
N LYS B 33 -8.48 -0.66 6.26
CA LYS B 33 -9.46 -0.01 5.40
C LYS B 33 -10.86 -0.09 5.99
N ARG B 34 -11.11 -1.04 6.90
CA ARG B 34 -12.40 -1.13 7.55
C ARG B 34 -12.67 0.06 8.47
N SER B 35 -11.65 0.86 8.83
CA SER B 35 -11.85 1.97 9.75
C SER B 35 -11.13 3.27 9.43
N SER B 36 -10.23 3.32 8.44
CA SER B 36 -9.43 4.51 8.21
C SER B 36 -10.23 5.62 7.54
N ASP B 37 -9.81 6.87 7.75
CA ASP B 37 -10.52 7.99 7.13
C ASP B 37 -9.64 8.89 6.27
N TYR B 38 -8.40 8.47 5.97
CA TYR B 38 -7.54 9.32 5.15
C TYR B 38 -8.10 9.49 3.75
N TYR B 39 -8.78 8.47 3.21
CA TYR B 39 -9.34 8.56 1.85
C TYR B 39 -10.26 9.78 1.70
N ASN B 40 -10.88 10.23 2.79
CA ASN B 40 -11.84 11.34 2.78
C ASN B 40 -11.23 12.67 3.19
N ARG B 41 -10.19 12.67 4.02
CA ARG B 41 -9.60 13.91 4.47
C ARG B 41 -8.34 14.30 3.68
N SER B 42 -7.90 13.45 2.74
CA SER B 42 -6.72 13.74 1.95
C SER B 42 -6.97 14.86 0.94
N THR B 43 -5.91 15.60 0.61
CA THR B 43 -6.02 16.56 -0.48
C THR B 43 -6.08 15.88 -1.83
N SER B 44 -5.76 14.58 -1.89
CA SER B 44 -5.91 13.74 -3.06
C SER B 44 -6.77 12.54 -2.67
N PRO B 45 -8.07 12.76 -2.48
CA PRO B 45 -8.93 11.71 -1.95
C PRO B 45 -9.19 10.61 -2.97
N TRP B 46 -9.74 9.52 -2.47
CA TRP B 46 -10.00 8.37 -3.31
C TRP B 46 -11.24 7.65 -2.80
N ASN B 47 -11.64 6.63 -3.55
CA ASN B 47 -12.70 5.72 -3.16
C ASN B 47 -12.24 4.32 -3.51
N LEU B 48 -12.82 3.32 -2.83
CA LEU B 48 -12.37 1.94 -2.99
C LEU B 48 -13.31 1.17 -3.92
N HIS B 49 -12.73 0.27 -4.71
N HIS B 49 -12.72 0.30 -4.74
CA HIS B 49 -13.50 -0.59 -5.59
CA HIS B 49 -13.45 -0.60 -5.63
C HIS B 49 -13.25 -2.05 -5.22
C HIS B 49 -13.24 -2.04 -5.14
N ARG B 50 -14.33 -2.78 -5.00
CA ARG B 50 -14.26 -4.15 -4.52
C ARG B 50 -13.83 -5.08 -5.64
N ASN B 51 -12.78 -5.85 -5.39
CA ASN B 51 -12.24 -6.85 -6.31
C ASN B 51 -12.39 -8.19 -5.59
N GLU B 52 -13.41 -8.97 -5.96
CA GLU B 52 -13.70 -10.24 -5.32
C GLU B 52 -13.40 -11.37 -6.30
N ASP B 53 -12.75 -12.40 -5.79
CA ASP B 53 -12.43 -13.59 -6.57
C ASP B 53 -12.50 -14.80 -5.64
N PRO B 54 -13.51 -15.66 -5.78
CA PRO B 54 -13.58 -16.84 -4.90
C PRO B 54 -12.53 -17.89 -5.22
N GLU B 55 -11.84 -17.76 -6.36
CA GLU B 55 -10.70 -18.61 -6.72
C GLU B 55 -9.37 -18.08 -6.16
N ARG B 56 -9.42 -17.10 -5.24
CA ARG B 56 -8.24 -16.39 -4.77
C ARG B 56 -8.23 -16.30 -3.24
N TYR B 57 -7.05 -16.40 -2.67
CA TYR B 57 -6.83 -15.97 -1.30
C TYR B 57 -5.83 -14.82 -1.34
N PRO B 58 -6.18 -13.62 -0.84
CA PRO B 58 -7.45 -13.19 -0.24
C PRO B 58 -8.58 -13.19 -1.26
N SER B 59 -9.80 -13.50 -0.84
CA SER B 59 -10.91 -13.53 -1.79
C SER B 59 -11.34 -12.12 -2.19
N VAL B 60 -11.22 -11.15 -1.29
CA VAL B 60 -11.59 -9.76 -1.57
C VAL B 60 -10.42 -8.84 -1.31
N ILE B 61 -10.11 -8.00 -2.30
CA ILE B 61 -9.16 -6.92 -2.10
C ILE B 61 -9.85 -5.64 -2.58
N TRP B 62 -9.46 -4.52 -2.00
CA TRP B 62 -10.06 -3.23 -2.31
C TRP B 62 -9.01 -2.34 -2.94
N GLU B 63 -9.31 -1.83 -4.13
CA GLU B 63 -8.39 -1.02 -4.91
C GLU B 63 -8.86 0.42 -4.90
N ALA B 64 -7.91 1.35 -4.72
CA ALA B 64 -8.24 2.77 -4.72
C ALA B 64 -8.29 3.33 -6.13
N LYS B 65 -9.22 4.27 -6.36
CA LYS B 65 -9.23 5.08 -7.56
C LYS B 65 -9.27 6.55 -7.14
N CYS B 66 -8.33 7.34 -7.63
CA CYS B 66 -8.27 8.74 -7.24
C CYS B 66 -9.57 9.43 -7.63
N ARG B 67 -10.06 10.27 -6.73
CA ARG B 67 -11.36 10.89 -6.93
C ARG B 67 -11.28 12.04 -7.93
N HIS B 68 -10.21 12.81 -7.92
CA HIS B 68 -10.09 13.97 -8.78
C HIS B 68 -8.83 13.87 -9.63
N LEU B 69 -8.81 14.67 -10.71
CA LEU B 69 -7.60 14.78 -11.51
C LEU B 69 -6.53 15.54 -10.75
N GLY B 70 -6.87 16.72 -10.24
CA GLY B 70 -5.97 17.53 -9.44
C GLY B 70 -6.09 17.23 -7.97
N CYS B 71 -5.69 18.21 -7.15
CA CYS B 71 -5.74 18.09 -5.70
C CYS B 71 -6.52 19.24 -5.11
N ILE B 72 -7.10 19.00 -3.94
CA ILE B 72 -7.94 19.97 -3.24
C ILE B 72 -7.08 21.05 -2.60
N ASN B 73 -7.41 22.32 -2.90
CA ASN B 73 -6.68 23.43 -2.31
C ASN B 73 -7.38 23.91 -1.03
N ALA B 74 -6.84 24.98 -0.43
CA ALA B 74 -7.31 25.46 0.86
C ALA B 74 -8.73 26.00 0.81
N ASP B 75 -9.22 26.32 -0.37
CA ASP B 75 -10.60 26.77 -0.55
C ASP B 75 -11.55 25.61 -0.80
N GLY B 76 -11.07 24.37 -0.80
CA GLY B 76 -11.93 23.24 -1.04
C GLY B 76 -12.20 22.95 -2.50
N ASN B 77 -11.39 23.48 -3.41
CA ASN B 77 -11.58 23.33 -4.84
C ASN B 77 -10.42 22.56 -5.46
N VAL B 78 -10.68 21.89 -6.57
CA VAL B 78 -9.66 21.07 -7.23
C VAL B 78 -8.69 22.00 -7.95
N ASP B 79 -7.41 21.89 -7.60
CA ASP B 79 -6.34 22.58 -8.30
C ASP B 79 -5.76 21.59 -9.30
N TYR B 80 -6.01 21.85 -10.59
CA TYR B 80 -5.59 20.92 -11.64
C TYR B 80 -4.12 21.02 -12.00
N HIS B 81 -3.40 22.06 -11.53
CA HIS B 81 -1.96 22.09 -11.75
C HIS B 81 -1.25 20.99 -10.95
N MET B 82 -1.77 20.69 -9.75
CA MET B 82 -1.32 19.60 -8.92
C MET B 82 -2.00 18.33 -9.42
N ASN B 83 -1.46 17.16 -9.06
CA ASN B 83 -1.90 15.89 -9.65
C ASN B 83 -2.16 14.85 -8.56
N SER B 84 -3.40 14.35 -8.50
CA SER B 84 -3.71 13.19 -7.67
C SER B 84 -3.16 11.95 -8.37
N VAL B 85 -2.30 11.19 -7.70
CA VAL B 85 -1.82 9.97 -8.36
C VAL B 85 -1.94 8.77 -7.41
N PRO B 86 -2.21 7.58 -7.94
CA PRO B 86 -2.35 6.40 -7.08
C PRO B 86 -1.00 5.80 -6.73
N ILE B 87 -0.89 5.33 -5.49
CA ILE B 87 0.29 4.62 -5.03
C ILE B 87 0.03 3.13 -5.09
N GLN B 88 0.93 2.38 -5.70
CA GLN B 88 0.71 0.96 -5.89
C GLN B 88 1.68 0.14 -5.04
N GLN B 89 1.23 -1.05 -4.69
CA GLN B 89 1.99 -2.01 -3.90
C GLN B 89 1.80 -3.37 -4.55
N GLU B 90 2.90 -4.09 -4.73
CA GLU B 90 2.84 -5.46 -5.24
C GLU B 90 2.51 -6.41 -4.08
N ILE B 91 1.49 -7.25 -4.25
CA ILE B 91 1.07 -8.14 -3.17
C ILE B 91 1.04 -9.59 -3.65
N LEU B 92 1.32 -10.49 -2.71
CA LEU B 92 1.23 -11.93 -2.95
C LEU B 92 -0.22 -12.38 -2.86
N VAL B 93 -0.66 -13.20 -3.82
CA VAL B 93 -1.97 -13.83 -3.78
C VAL B 93 -1.83 -15.30 -4.19
N LEU B 94 -2.82 -16.10 -3.77
CA LEU B 94 -2.92 -17.51 -4.14
C LEU B 94 -4.08 -17.71 -5.10
N ARG B 95 -3.80 -18.35 -6.23
CA ARG B 95 -4.79 -18.68 -7.25
C ARG B 95 -4.99 -20.19 -7.30
N ARG B 96 -6.25 -20.64 -7.20
CA ARG B 96 -6.54 -22.07 -7.16
C ARG B 96 -6.05 -22.74 -8.44
N GLU B 97 -5.47 -23.94 -8.29
CA GLU B 97 -4.91 -24.66 -9.42
C GLU B 97 -5.38 -26.13 -9.46
N SER B 104 -5.00 -26.98 -3.39
CA SER B 104 -4.05 -26.73 -4.47
C SER B 104 -4.12 -25.29 -4.99
N PHE B 105 -2.98 -24.60 -4.95
CA PHE B 105 -2.91 -23.19 -5.32
C PHE B 105 -1.60 -22.90 -6.05
N ARG B 106 -1.60 -21.77 -6.75
CA ARG B 106 -0.42 -21.20 -7.40
C ARG B 106 -0.11 -19.85 -6.75
N LEU B 107 1.13 -19.65 -6.33
CA LEU B 107 1.52 -18.37 -5.73
C LEU B 107 1.85 -17.37 -6.83
N GLU B 108 1.18 -16.21 -6.79
CA GLU B 108 1.32 -15.14 -7.78
C GLU B 108 1.51 -13.80 -7.10
N LYS B 109 1.90 -12.79 -7.90
CA LYS B 109 2.03 -11.41 -7.45
C LYS B 109 1.18 -10.50 -8.34
N ILE B 110 0.53 -9.51 -7.73
CA ILE B 110 -0.30 -8.55 -8.46
C ILE B 110 -0.04 -7.13 -7.93
N LEU B 111 -0.33 -6.16 -8.78
CA LEU B 111 -0.15 -4.74 -8.46
C LEU B 111 -1.49 -4.14 -8.07
N VAL B 112 -1.57 -3.59 -6.86
CA VAL B 112 -2.80 -3.04 -6.32
C VAL B 112 -2.60 -1.55 -6.01
N SER B 113 -3.57 -0.72 -6.41
CA SER B 113 -3.63 0.68 -5.98
C SER B 113 -4.22 0.75 -4.59
N VAL B 114 -3.47 1.30 -3.65
CA VAL B 114 -3.93 1.28 -2.27
C VAL B 114 -4.37 2.66 -1.75
N GLY B 115 -3.86 3.76 -2.32
CA GLY B 115 -4.36 5.08 -1.97
C GLY B 115 -3.82 6.07 -2.99
N CYS B 116 -4.14 7.35 -2.78
CA CYS B 116 -3.63 8.38 -3.67
C CYS B 116 -2.84 9.43 -2.89
N THR B 117 -1.87 10.05 -3.58
CA THR B 117 -1.07 11.14 -3.04
C THR B 117 -1.16 12.33 -3.99
N CYS B 118 -0.69 13.49 -3.55
CA CYS B 118 -0.73 14.70 -4.38
C CYS B 118 0.69 15.06 -4.78
N VAL B 119 0.95 15.14 -6.10
CA VAL B 119 2.29 15.48 -6.58
C VAL B 119 2.28 16.78 -7.35
N THR B 120 3.38 17.51 -7.23
CA THR B 120 3.68 18.58 -8.16
C THR B 120 4.21 17.97 -9.45
N PRO B 121 3.84 18.48 -10.62
CA PRO B 121 4.33 17.88 -11.86
C PRO B 121 5.80 18.15 -12.12
N ILE B 122 6.38 19.18 -11.48
CA ILE B 122 7.80 19.53 -11.61
C ILE B 122 8.33 20.08 -10.28
N VAL B 123 9.56 19.70 -9.95
CA VAL B 123 10.25 20.31 -8.82
C VAL B 123 11.05 21.52 -9.29
#